data_5KTM
#
_entry.id   5KTM
#
_cell.length_a   47.480
_cell.length_b   52.877
_cell.length_c   55.996
_cell.angle_alpha   90.00
_cell.angle_beta   111.72
_cell.angle_gamma   90.00
#
_symmetry.space_group_name_H-M   'P 1 21 1'
#
loop_
_entity.id
_entity.type
_entity.pdbx_description
1 polymer 'Quinolinate synthase A'
2 non-polymer 'IRON/SULFUR CLUSTER'
3 non-polymer 'CHLORIDE ION'
4 water water
#
_entity_poly.entity_id   1
_entity_poly.type   'polypeptide(L)'
_entity_poly.pdbx_seq_one_letter_code
;GSFTMDLVEEILRLKEERNAIILAHNYQLPEVQDIADFIGDSLELARRATRVDADVIVFAGVDFMAETAKILNPDKVVLI
PSREATCAMANMLKVEHILEAKRKYPNAPVVLYVNSTAEAKAYADVTVTSANAVEVVKKLDSDVVIFGPDKNLAHYVAKM
TGKKIIPVPSKGHCYVHQKFTLDDVERAKKLHPNAKLMIHPECIPEVQEKADIIASTGGMIKRACEWDEWVVFTEREMVY
RLRKLYPQKKFYPAREDAFCIGMKAITLKNIYESLKDMKYKVEVPEEIARKARKAIERMLEMSK
;
_entity_poly.pdbx_strand_id   A
#
loop_
_chem_comp.id
_chem_comp.type
_chem_comp.name
_chem_comp.formula
CL non-polymer 'CHLORIDE ION' 'Cl -1'
SF4 non-polymer 'IRON/SULFUR CLUSTER' 'Fe4 S4'
#
# COMPACT_ATOMS: atom_id res chain seq x y z
N ASP A 6 -13.18 7.26 -27.39
CA ASP A 6 -13.41 7.80 -26.04
C ASP A 6 -13.25 6.67 -25.03
N LEU A 7 -12.06 6.56 -24.43
CA LEU A 7 -11.78 5.45 -23.53
C LEU A 7 -12.70 5.46 -22.32
N VAL A 8 -12.99 6.64 -21.78
CA VAL A 8 -13.86 6.71 -20.60
C VAL A 8 -15.24 6.14 -20.91
N GLU A 9 -15.83 6.57 -22.03
CA GLU A 9 -17.16 6.05 -22.38
C GLU A 9 -17.11 4.55 -22.62
N GLU A 10 -16.05 4.05 -23.28
CA GLU A 10 -15.92 2.61 -23.50
C GLU A 10 -15.76 1.86 -22.19
N ILE A 11 -14.92 2.37 -21.28
CA ILE A 11 -14.71 1.72 -19.99
C ILE A 11 -16.02 1.62 -19.22
N LEU A 12 -16.79 2.71 -19.20
CA LEU A 12 -18.03 2.71 -18.41
C LEU A 12 -19.01 1.68 -18.95
N ARG A 13 -19.11 1.55 -20.28
CA ARG A 13 -20.00 0.55 -20.85
C ARG A 13 -19.51 -0.87 -20.55
N LEU A 14 -18.20 -1.11 -20.69
CA LEU A 14 -17.67 -2.45 -20.42
C LEU A 14 -17.78 -2.82 -18.95
N LYS A 15 -17.63 -1.84 -18.05
CA LYS A 15 -17.81 -2.13 -16.65
C LYS A 15 -19.21 -2.68 -16.38
N GLU A 16 -20.22 -2.10 -17.01
CA GLU A 16 -21.57 -2.61 -16.89
C GLU A 16 -21.72 -3.97 -17.56
N GLU A 17 -21.15 -4.15 -18.75
CA GLU A 17 -21.27 -5.43 -19.45
C GLU A 17 -20.63 -6.56 -18.66
N ARG A 18 -19.50 -6.30 -18.01
CA ARG A 18 -18.75 -7.31 -17.28
C ARG A 18 -19.19 -7.48 -15.84
N ASN A 19 -20.15 -6.67 -15.36
N ASN A 19 -20.13 -6.66 -15.34
CA ASN A 19 -20.48 -6.61 -13.94
CA ASN A 19 -20.48 -6.65 -13.92
C ASN A 19 -19.21 -6.44 -13.10
C ASN A 19 -19.23 -6.42 -13.06
N ALA A 20 -18.43 -5.43 -13.46
CA ALA A 20 -17.13 -5.20 -12.88
C ALA A 20 -17.16 -4.04 -11.90
N ILE A 21 -16.27 -4.10 -10.91
CA ILE A 21 -15.93 -2.96 -10.07
C ILE A 21 -14.46 -2.64 -10.33
N ILE A 22 -14.15 -1.35 -10.41
CA ILE A 22 -12.78 -0.88 -10.57
C ILE A 22 -12.32 -0.33 -9.23
N LEU A 23 -11.27 -0.93 -8.69
CA LEU A 23 -10.63 -0.50 -7.45
C LEU A 23 -9.31 0.16 -7.81
N ALA A 24 -9.09 1.38 -7.34
CA ALA A 24 -7.88 2.13 -7.69
C ALA A 24 -7.12 2.52 -6.43
N HIS A 25 -5.82 2.29 -6.44
CA HIS A 25 -4.99 2.78 -5.35
C HIS A 25 -4.87 4.30 -5.42
N ASN A 26 -4.61 4.89 -4.25
CA ASN A 26 -4.41 6.33 -4.11
C ASN A 26 -3.29 6.88 -5.00
N TYR A 27 -2.38 6.04 -5.49
CA TYR A 27 -1.27 6.51 -6.33
C TYR A 27 -1.55 6.37 -7.82
N GLN A 28 -2.75 5.96 -8.18
CA GLN A 28 -3.11 5.85 -9.59
C GLN A 28 -3.22 7.23 -10.21
N LEU A 29 -2.99 7.29 -11.52
CA LEU A 29 -3.11 8.54 -12.24
C LEU A 29 -4.49 9.16 -12.01
N PRO A 30 -4.57 10.50 -12.03
CA PRO A 30 -5.89 11.14 -11.89
C PRO A 30 -6.96 10.61 -12.83
N GLU A 31 -6.64 10.38 -14.10
CA GLU A 31 -7.65 9.90 -15.03
C GLU A 31 -8.13 8.49 -14.68
N VAL A 32 -7.29 7.69 -14.01
CA VAL A 32 -7.71 6.38 -13.54
C VAL A 32 -8.57 6.51 -12.29
N GLN A 33 -8.11 7.32 -11.33
CA GLN A 33 -8.92 7.58 -10.13
C GLN A 33 -10.32 8.03 -10.52
N ASP A 34 -10.43 8.83 -11.57
CA ASP A 34 -11.69 9.41 -11.98
C ASP A 34 -12.69 8.39 -12.52
N ILE A 35 -12.23 7.23 -12.99
CA ILE A 35 -13.14 6.18 -13.45
C ILE A 35 -13.29 5.03 -12.45
N ALA A 36 -12.61 5.09 -11.31
CA ALA A 36 -12.69 3.99 -10.36
C ALA A 36 -13.99 4.06 -9.57
N ASP A 37 -14.44 2.89 -9.11
CA ASP A 37 -15.59 2.86 -8.21
C ASP A 37 -15.18 3.17 -6.78
N PHE A 38 -14.08 2.57 -6.32
CA PHE A 38 -13.56 2.79 -4.98
C PHE A 38 -12.08 3.13 -5.13
N ILE A 39 -11.61 4.07 -4.29
CA ILE A 39 -10.22 4.48 -4.26
C ILE A 39 -9.72 4.35 -2.82
N GLY A 40 -8.51 3.85 -2.64
CA GLY A 40 -7.97 3.75 -1.29
C GLY A 40 -6.63 3.04 -1.27
N ASP A 41 -6.29 2.50 -0.10
CA ASP A 41 -5.11 1.65 0.01
C ASP A 41 -5.49 0.20 -0.26
N SER A 42 -4.48 -0.66 -0.44
CA SER A 42 -4.70 -1.98 -1.02
C SER A 42 -5.59 -2.87 -0.15
N LEU A 43 -5.28 -2.97 1.16
CA LEU A 43 -6.07 -3.87 1.99
C LEU A 43 -7.51 -3.38 2.11
N GLU A 44 -7.68 -2.08 2.34
CA GLU A 44 -9.02 -1.53 2.45
C GLU A 44 -9.81 -1.77 1.17
N LEU A 45 -9.18 -1.65 0.00
CA LEU A 45 -9.94 -1.90 -1.23
C LEU A 45 -10.34 -3.35 -1.35
N ALA A 46 -9.42 -4.27 -1.00
CA ALA A 46 -9.72 -5.69 -1.04
C ALA A 46 -10.86 -6.04 -0.10
N ARG A 47 -10.82 -5.49 1.12
CA ARG A 47 -11.87 -5.73 2.10
C ARG A 47 -13.21 -5.18 1.64
N ARG A 48 -13.23 -3.96 1.09
CA ARG A 48 -14.49 -3.37 0.71
C ARG A 48 -15.14 -4.15 -0.44
N ALA A 49 -14.34 -4.77 -1.30
CA ALA A 49 -14.87 -5.52 -2.43
C ALA A 49 -15.55 -6.82 -1.99
N THR A 50 -15.19 -7.34 -0.82
CA THR A 50 -15.84 -8.54 -0.32
C THR A 50 -17.31 -8.31 -0.01
N ARG A 51 -17.73 -7.05 0.14
CA ARG A 51 -19.12 -6.72 0.40
C ARG A 51 -19.84 -6.19 -0.83
N VAL A 52 -19.20 -6.23 -1.99
CA VAL A 52 -19.77 -5.72 -3.24
C VAL A 52 -20.20 -6.89 -4.10
N ASP A 53 -21.40 -6.79 -4.68
CA ASP A 53 -21.91 -7.82 -5.59
C ASP A 53 -21.42 -7.50 -7.00
N ALA A 54 -20.21 -7.95 -7.29
CA ALA A 54 -19.63 -7.81 -8.62
C ALA A 54 -18.94 -9.11 -9.00
N ASP A 55 -18.93 -9.41 -10.30
CA ASP A 55 -18.31 -10.64 -10.79
C ASP A 55 -16.83 -10.47 -11.07
N VAL A 56 -16.40 -9.25 -11.38
CA VAL A 56 -15.05 -8.98 -11.85
C VAL A 56 -14.51 -7.80 -11.07
N ILE A 57 -13.26 -7.90 -10.60
CA ILE A 57 -12.54 -6.79 -10.01
C ILE A 57 -11.44 -6.41 -10.97
N VAL A 58 -11.42 -5.15 -11.41
CA VAL A 58 -10.27 -4.60 -12.11
C VAL A 58 -9.45 -3.86 -11.06
N PHE A 59 -8.24 -4.35 -10.78
CA PHE A 59 -7.41 -3.75 -9.74
C PHE A 59 -6.41 -2.79 -10.37
N ALA A 60 -6.70 -1.50 -10.31
CA ALA A 60 -5.76 -0.48 -10.76
C ALA A 60 -4.76 -0.22 -9.64
N GLY A 61 -3.71 -1.03 -9.65
CA GLY A 61 -2.66 -0.96 -8.64
C GLY A 61 -1.61 -2.00 -8.98
N VAL A 62 -0.72 -2.26 -8.03
CA VAL A 62 0.40 -3.15 -8.32
C VAL A 62 0.08 -4.61 -7.98
N ASP A 63 0.96 -5.51 -8.39
CA ASP A 63 0.66 -6.95 -8.36
C ASP A 63 0.25 -7.45 -6.97
N PHE A 64 1.01 -7.07 -5.93
CA PHE A 64 0.68 -7.62 -4.61
C PHE A 64 -0.70 -7.18 -4.15
N MET A 65 -1.15 -6.01 -4.60
CA MET A 65 -2.47 -5.52 -4.25
C MET A 65 -3.56 -6.33 -4.93
N ALA A 66 -3.38 -6.63 -6.23
CA ALA A 66 -4.33 -7.50 -6.91
C ALA A 66 -4.34 -8.89 -6.29
N GLU A 67 -3.16 -9.39 -5.88
CA GLU A 67 -3.10 -10.68 -5.20
C GLU A 67 -3.91 -10.68 -3.92
N THR A 68 -3.76 -9.62 -3.10
CA THR A 68 -4.55 -9.53 -1.88
C THR A 68 -6.05 -9.52 -2.18
N ALA A 69 -6.44 -8.81 -3.23
CA ALA A 69 -7.85 -8.81 -3.60
C ALA A 69 -8.31 -10.22 -3.98
N LYS A 70 -7.47 -10.98 -4.69
CA LYS A 70 -7.83 -12.34 -5.07
C LYS A 70 -7.89 -13.25 -3.85
N ILE A 71 -6.95 -13.08 -2.91
CA ILE A 71 -6.96 -13.86 -1.67
C ILE A 71 -8.25 -13.66 -0.90
N LEU A 72 -8.77 -12.43 -0.86
CA LEU A 72 -9.98 -12.14 -0.12
C LEU A 72 -11.25 -12.30 -0.95
N ASN A 73 -11.11 -12.36 -2.27
CA ASN A 73 -12.26 -12.52 -3.17
C ASN A 73 -11.95 -13.67 -4.13
N PRO A 74 -11.71 -14.87 -3.60
CA PRO A 74 -11.31 -15.98 -4.48
C PRO A 74 -12.37 -16.33 -5.50
N ASP A 75 -13.64 -16.01 -5.23
CA ASP A 75 -14.76 -16.34 -6.08
C ASP A 75 -15.01 -15.33 -7.19
N LYS A 76 -14.23 -14.25 -7.26
CA LYS A 76 -14.35 -13.25 -8.31
C LYS A 76 -13.17 -13.38 -9.25
N VAL A 77 -13.36 -12.94 -10.49
CA VAL A 77 -12.25 -12.76 -11.41
C VAL A 77 -11.55 -11.46 -11.04
N VAL A 78 -10.25 -11.53 -10.83
CA VAL A 78 -9.45 -10.34 -10.53
C VAL A 78 -8.50 -10.11 -11.70
N LEU A 79 -8.55 -8.91 -12.27
CA LEU A 79 -7.74 -8.54 -13.41
C LEU A 79 -6.78 -7.44 -13.00
N ILE A 80 -5.53 -7.56 -13.41
CA ILE A 80 -4.56 -6.48 -13.30
C ILE A 80 -4.28 -5.94 -14.69
N PRO A 81 -4.36 -4.63 -14.92
CA PRO A 81 -4.28 -4.14 -16.31
C PRO A 81 -2.92 -4.30 -16.96
N SER A 82 -1.84 -4.39 -16.18
CA SER A 82 -0.52 -4.66 -16.71
C SER A 82 0.22 -5.50 -15.70
N ARG A 83 0.90 -6.56 -16.17
CA ARG A 83 1.77 -7.33 -15.28
C ARG A 83 3.06 -6.61 -14.94
N GLU A 84 3.34 -5.46 -15.55
CA GLU A 84 4.47 -4.64 -15.17
C GLU A 84 4.17 -3.72 -14.00
N ALA A 85 2.93 -3.70 -13.52
CA ALA A 85 2.59 -2.92 -12.33
C ALA A 85 3.04 -3.72 -11.11
N THR A 86 4.26 -3.45 -10.65
N THR A 86 4.25 -3.44 -10.64
CA THR A 86 4.88 -4.22 -9.58
CA THR A 86 4.85 -4.21 -9.56
C THR A 86 5.45 -3.27 -8.54
C THR A 86 5.47 -3.26 -8.54
N CYS A 87 5.71 -3.81 -7.34
CA CYS A 87 6.21 -3.05 -6.21
C CYS A 87 7.67 -3.42 -5.96
N ALA A 88 8.57 -2.46 -6.15
CA ALA A 88 9.99 -2.72 -5.95
C ALA A 88 10.31 -3.09 -4.50
N MET A 89 9.56 -2.54 -3.54
N MET A 89 9.56 -2.54 -3.54
CA MET A 89 9.80 -2.86 -2.14
CA MET A 89 9.81 -2.87 -2.15
C MET A 89 9.39 -4.30 -1.83
C MET A 89 9.39 -4.30 -1.85
N ALA A 90 8.18 -4.68 -2.25
CA ALA A 90 7.71 -6.04 -2.01
C ALA A 90 8.61 -7.09 -2.67
N ASN A 91 9.16 -6.76 -3.85
CA ASN A 91 10.00 -7.71 -4.58
C ASN A 91 11.37 -7.90 -3.93
N MET A 92 11.77 -7.03 -3.01
N MET A 92 11.77 -7.03 -3.01
CA MET A 92 13.05 -7.22 -2.33
CA MET A 92 13.05 -7.21 -2.33
C MET A 92 13.01 -8.40 -1.36
C MET A 92 13.02 -8.32 -1.30
N LEU A 93 11.83 -8.71 -0.83
CA LEU A 93 11.69 -9.73 0.19
C LEU A 93 11.50 -11.09 -0.49
N LYS A 94 12.47 -11.97 -0.32
CA LYS A 94 12.41 -13.31 -0.86
C LYS A 94 12.08 -14.29 0.25
N VAL A 95 11.46 -15.42 -0.12
CA VAL A 95 11.17 -16.45 0.86
C VAL A 95 12.45 -16.87 1.58
N GLU A 96 13.57 -16.96 0.85
CA GLU A 96 14.87 -17.25 1.46
C GLU A 96 15.16 -16.32 2.63
N HIS A 97 14.99 -15.02 2.41
CA HIS A 97 15.27 -14.03 3.45
C HIS A 97 14.48 -14.34 4.72
N ILE A 98 13.20 -14.69 4.55
CA ILE A 98 12.35 -15.02 5.69
C ILE A 98 12.86 -16.26 6.39
N LEU A 99 13.11 -17.33 5.63
CA LEU A 99 13.61 -18.57 6.23
C LEU A 99 14.96 -18.35 6.88
N GLU A 100 15.89 -17.68 6.20
CA GLU A 100 17.19 -17.41 6.79
C GLU A 100 17.05 -16.62 8.09
N ALA A 101 16.17 -15.60 8.08
CA ALA A 101 15.92 -14.83 9.30
C ALA A 101 15.32 -15.70 10.39
N LYS A 102 14.37 -16.57 10.03
CA LYS A 102 13.76 -17.46 11.02
C LYS A 102 14.78 -18.44 11.59
N ARG A 103 15.65 -18.98 10.74
CA ARG A 103 16.62 -19.94 11.25
C ARG A 103 17.61 -19.28 12.20
N LYS A 104 17.84 -17.98 12.02
CA LYS A 104 18.76 -17.23 12.86
C LYS A 104 18.10 -16.81 14.17
N TYR A 105 16.81 -16.45 14.13
CA TYR A 105 16.04 -16.01 15.29
C TYR A 105 14.85 -16.95 15.46
N PRO A 106 15.08 -18.17 15.97
CA PRO A 106 14.00 -19.17 15.98
C PRO A 106 12.79 -18.81 16.82
N ASN A 107 12.95 -17.93 17.81
CA ASN A 107 11.86 -17.55 18.70
C ASN A 107 11.20 -16.25 18.32
N ALA A 108 11.67 -15.60 17.25
CA ALA A 108 11.11 -14.31 16.84
C ALA A 108 9.92 -14.53 15.93
N PRO A 109 8.77 -13.90 16.20
CA PRO A 109 7.69 -13.94 15.21
C PRO A 109 8.01 -13.15 13.95
N VAL A 110 7.38 -13.55 12.86
CA VAL A 110 7.57 -12.95 11.55
C VAL A 110 6.34 -12.09 11.23
N VAL A 111 6.54 -10.78 11.17
CA VAL A 111 5.46 -9.82 10.92
C VAL A 111 5.65 -9.24 9.53
N LEU A 112 4.67 -9.43 8.66
CA LEU A 112 4.72 -8.97 7.27
C LEU A 112 3.83 -7.76 7.06
N TYR A 113 4.43 -6.65 6.67
CA TYR A 113 3.69 -5.52 6.11
C TYR A 113 2.85 -6.01 4.93
N VAL A 114 1.64 -5.47 4.81
CA VAL A 114 0.77 -5.91 3.72
C VAL A 114 1.36 -5.58 2.36
N ASN A 115 2.24 -4.59 2.29
CA ASN A 115 2.99 -4.34 1.07
C ASN A 115 4.06 -5.41 0.94
N SER A 116 3.71 -6.53 0.33
CA SER A 116 4.53 -7.73 0.29
C SER A 116 3.81 -8.72 -0.61
N THR A 117 4.56 -9.67 -1.16
CA THR A 117 3.93 -10.63 -2.06
C THR A 117 3.04 -11.58 -1.27
N ALA A 118 2.08 -12.18 -1.98
CA ALA A 118 1.25 -13.21 -1.36
C ALA A 118 2.10 -14.37 -0.87
N GLU A 119 3.13 -14.73 -1.64
CA GLU A 119 4.02 -15.81 -1.24
C GLU A 119 4.73 -15.49 0.06
N ALA A 120 5.17 -14.24 0.24
CA ALA A 120 5.80 -13.87 1.49
C ALA A 120 4.81 -13.94 2.65
N LYS A 121 3.56 -13.53 2.40
CA LYS A 121 2.54 -13.57 3.43
C LYS A 121 2.32 -14.98 3.96
N ALA A 122 2.46 -15.98 3.09
CA ALA A 122 2.25 -17.37 3.50
C ALA A 122 3.24 -17.82 4.57
N TYR A 123 4.36 -17.11 4.74
CA TYR A 123 5.34 -17.42 5.77
C TYR A 123 5.25 -16.49 6.98
N ALA A 124 4.32 -15.55 6.98
CA ALA A 124 4.20 -14.62 8.08
C ALA A 124 3.39 -15.22 9.21
N ASP A 125 3.79 -14.91 10.45
CA ASP A 125 2.92 -15.23 11.57
C ASP A 125 1.71 -14.31 11.59
N VAL A 126 1.91 -13.05 11.23
CA VAL A 126 0.84 -12.05 11.22
C VAL A 126 1.23 -10.94 10.26
N THR A 127 0.24 -10.40 9.55
CA THR A 127 0.47 -9.21 8.75
C THR A 127 0.18 -7.94 9.54
N VAL A 128 0.58 -6.80 8.97
CA VAL A 128 0.27 -5.48 9.53
C VAL A 128 0.07 -4.47 8.41
N THR A 129 -0.75 -3.47 8.69
CA THR A 129 -0.76 -2.22 7.96
C THR A 129 0.06 -1.21 8.74
N SER A 130 0.33 -0.06 8.12
N SER A 130 0.35 -0.07 8.10
CA SER A 130 1.03 0.97 8.85
CA SER A 130 1.00 1.03 8.80
C SER A 130 0.16 1.59 9.95
C SER A 130 0.16 1.45 10.00
N ALA A 131 -1.17 1.43 9.86
CA ALA A 131 -2.06 1.95 10.89
C ALA A 131 -2.17 1.02 12.09
N ASN A 132 -2.04 -0.30 11.90
CA ASN A 132 -2.18 -1.21 13.03
C ASN A 132 -0.87 -1.89 13.44
N ALA A 133 0.25 -1.55 12.80
CA ALA A 133 1.49 -2.27 13.06
C ALA A 133 1.88 -2.20 14.54
N VAL A 134 1.77 -1.02 15.15
CA VAL A 134 2.22 -0.85 16.52
C VAL A 134 1.34 -1.66 17.49
N GLU A 135 0.02 -1.58 17.33
CA GLU A 135 -0.85 -2.28 18.25
C GLU A 135 -0.69 -3.79 18.13
N VAL A 136 -0.49 -4.28 16.90
CA VAL A 136 -0.30 -5.72 16.70
C VAL A 136 1.01 -6.17 17.35
N VAL A 137 2.12 -5.51 17.02
CA VAL A 137 3.42 -5.93 17.52
C VAL A 137 3.53 -5.83 19.05
N LYS A 138 2.87 -4.83 19.65
CA LYS A 138 2.92 -4.71 21.12
C LYS A 138 2.36 -5.94 21.81
N LYS A 139 1.50 -6.70 21.13
CA LYS A 139 0.86 -7.88 21.70
C LYS A 139 1.67 -9.16 21.56
N LEU A 140 2.82 -9.11 20.88
CA LEU A 140 3.69 -10.27 20.72
C LEU A 140 4.59 -10.38 21.93
N ASP A 141 4.71 -11.59 22.47
CA ASP A 141 5.48 -11.76 23.71
C ASP A 141 6.95 -11.44 23.51
N SER A 142 7.49 -11.74 22.34
CA SER A 142 8.91 -11.61 22.09
C SER A 142 9.31 -10.15 22.03
N ASP A 143 10.46 -9.84 22.61
CA ASP A 143 11.04 -8.51 22.47
C ASP A 143 11.92 -8.39 21.23
N VAL A 144 12.03 -9.46 20.44
CA VAL A 144 12.74 -9.45 19.16
C VAL A 144 11.77 -9.95 18.09
N VAL A 145 11.61 -9.16 17.04
CA VAL A 145 10.59 -9.41 16.01
C VAL A 145 11.23 -9.27 14.63
N ILE A 146 10.93 -10.21 13.74
CA ILE A 146 11.31 -10.12 12.33
C ILE A 146 10.21 -9.39 11.58
N PHE A 147 10.57 -8.35 10.86
CA PHE A 147 9.57 -7.49 10.26
C PHE A 147 10.01 -7.15 8.85
N GLY A 148 9.10 -7.24 7.90
CA GLY A 148 9.44 -6.90 6.54
C GLY A 148 8.25 -6.53 5.71
N PRO A 149 8.49 -5.96 4.54
CA PRO A 149 9.83 -5.80 3.97
C PRO A 149 10.48 -4.43 4.20
N ASP A 150 9.82 -3.51 4.90
CA ASP A 150 10.28 -2.12 4.93
C ASP A 150 11.01 -1.80 6.23
N LYS A 151 12.30 -1.49 6.11
CA LYS A 151 13.10 -1.17 7.30
C LYS A 151 12.72 0.15 7.94
N ASN A 152 12.16 1.09 7.17
CA ASN A 152 11.79 2.37 7.76
C ASN A 152 10.52 2.26 8.58
N LEU A 153 9.53 1.53 8.09
CA LEU A 153 8.36 1.21 8.91
C LEU A 153 8.78 0.39 10.13
N ALA A 154 9.73 -0.53 9.95
CA ALA A 154 10.21 -1.34 11.06
C ALA A 154 10.78 -0.45 12.15
N HIS A 155 11.52 0.58 11.75
CA HIS A 155 12.14 1.49 12.72
C HIS A 155 11.07 2.26 13.49
N TYR A 156 10.02 2.69 12.79
CA TYR A 156 8.90 3.35 13.46
C TYR A 156 8.23 2.42 14.45
N VAL A 157 8.02 1.16 14.05
CA VAL A 157 7.42 0.19 14.95
C VAL A 157 8.31 -0.06 16.17
N ALA A 158 9.63 -0.20 15.95
CA ALA A 158 10.55 -0.35 17.07
C ALA A 158 10.46 0.82 18.03
N LYS A 159 10.40 2.04 17.50
CA LYS A 159 10.31 3.20 18.37
C LYS A 159 9.05 3.16 19.21
N MET A 160 7.91 2.89 18.57
CA MET A 160 6.62 2.97 19.24
C MET A 160 6.35 1.78 20.15
N THR A 161 7.07 0.65 19.97
CA THR A 161 6.92 -0.53 20.81
C THR A 161 8.06 -0.75 21.81
N GLY A 162 9.23 -0.18 21.58
CA GLY A 162 10.37 -0.46 22.43
C GLY A 162 11.06 -1.78 22.17
N LYS A 163 10.58 -2.55 21.19
CA LYS A 163 11.13 -3.86 20.89
C LYS A 163 12.27 -3.75 19.89
N LYS A 164 13.03 -4.83 19.79
CA LYS A 164 14.07 -4.95 18.76
C LYS A 164 13.42 -5.48 17.49
N ILE A 165 13.45 -4.70 16.43
CA ILE A 165 12.80 -5.06 15.17
C ILE A 165 13.90 -5.29 14.15
N ILE A 166 13.99 -6.53 13.65
CA ILE A 166 15.01 -6.92 12.69
C ILE A 166 14.41 -6.80 11.29
N PRO A 167 14.87 -5.87 10.46
CA PRO A 167 14.27 -5.76 9.12
C PRO A 167 14.71 -6.91 8.21
N VAL A 168 13.75 -7.46 7.48
CA VAL A 168 14.02 -8.45 6.43
C VAL A 168 13.38 -8.00 5.12
N PRO A 169 14.18 -7.86 4.06
CA PRO A 169 15.64 -8.01 4.06
C PRO A 169 16.29 -6.82 4.76
N SER A 170 17.58 -6.91 5.09
CA SER A 170 18.18 -5.89 5.95
C SER A 170 18.03 -4.48 5.37
N LYS A 171 17.94 -4.35 4.05
CA LYS A 171 17.87 -3.04 3.42
C LYS A 171 16.56 -2.81 2.68
N GLY A 172 15.49 -3.53 3.04
CA GLY A 172 14.23 -3.36 2.34
C GLY A 172 13.68 -1.95 2.51
N HIS A 173 13.18 -1.39 1.42
CA HIS A 173 12.71 -0.01 1.44
C HIS A 173 11.95 0.25 0.16
N CYS A 174 11.17 1.34 0.16
CA CYS A 174 10.47 1.86 -1.01
C CYS A 174 11.29 3.01 -1.57
N TYR A 175 11.74 2.88 -2.84
CA TYR A 175 12.57 3.92 -3.42
C TYR A 175 11.86 5.26 -3.51
N VAL A 176 10.53 5.25 -3.62
CA VAL A 176 9.80 6.51 -3.68
C VAL A 176 9.91 7.24 -2.36
N HIS A 177 9.59 6.56 -1.26
CA HIS A 177 9.60 7.22 0.05
C HIS A 177 11.01 7.47 0.55
N GLN A 178 11.99 6.65 0.15
CA GLN A 178 13.37 6.87 0.55
C GLN A 178 13.93 8.18 0.00
N LYS A 179 13.29 8.76 -1.02
CA LYS A 179 13.81 9.99 -1.63
C LYS A 179 13.70 11.20 -0.69
N PHE A 180 12.75 11.21 0.23
CA PHE A 180 12.52 12.41 1.03
C PHE A 180 13.67 12.63 2.01
N THR A 181 14.08 13.89 2.15
CA THR A 181 15.21 14.27 2.99
C THR A 181 14.83 15.39 3.94
N LEU A 182 15.73 15.61 4.92
CA LEU A 182 15.59 16.76 5.79
C LEU A 182 15.59 18.07 5.01
N ASP A 183 16.32 18.13 3.88
CA ASP A 183 16.28 19.34 3.07
C ASP A 183 14.90 19.57 2.50
N ASP A 184 14.19 18.49 2.13
CA ASP A 184 12.81 18.62 1.68
C ASP A 184 11.91 19.15 2.80
N VAL A 185 12.16 18.73 4.04
CA VAL A 185 11.38 19.24 5.16
C VAL A 185 11.61 20.73 5.34
N GLU A 186 12.87 21.15 5.35
CA GLU A 186 13.19 22.58 5.51
C GLU A 186 12.58 23.40 4.39
N ARG A 187 12.67 22.90 3.15
CA ARG A 187 12.09 23.65 2.02
C ARG A 187 10.57 23.74 2.16
N ALA A 188 9.92 22.66 2.60
CA ALA A 188 8.47 22.67 2.80
C ALA A 188 8.07 23.75 3.80
N LYS A 189 8.79 23.85 4.91
CA LYS A 189 8.45 24.84 5.92
C LYS A 189 8.73 26.26 5.43
N LYS A 190 9.72 26.43 4.55
CA LYS A 190 10.03 27.75 4.01
C LYS A 190 9.01 28.18 2.97
N LEU A 191 8.62 27.26 2.08
CA LEU A 191 7.71 27.61 0.99
C LEU A 191 6.25 27.64 1.45
N HIS A 192 5.89 26.88 2.47
CA HIS A 192 4.50 26.74 2.92
C HIS A 192 4.48 26.85 4.44
N PRO A 193 4.69 28.06 4.97
CA PRO A 193 4.92 28.19 6.42
C PRO A 193 3.69 27.93 7.27
N ASN A 194 2.50 27.95 6.68
CA ASN A 194 1.27 27.69 7.42
C ASN A 194 0.79 26.26 7.26
N ALA A 195 1.58 25.40 6.63
CA ALA A 195 1.18 24.02 6.41
C ALA A 195 1.74 23.11 7.49
N LYS A 196 1.02 22.04 7.78
CA LYS A 196 1.55 20.95 8.57
C LYS A 196 2.04 19.84 7.65
N LEU A 197 2.89 18.97 8.18
CA LEU A 197 3.55 17.94 7.37
C LEU A 197 2.92 16.59 7.66
N MET A 198 2.40 15.94 6.62
CA MET A 198 1.93 14.56 6.74
C MET A 198 2.96 13.66 6.06
N ILE A 199 3.49 12.70 6.82
CA ILE A 199 4.66 11.94 6.41
C ILE A 199 4.37 10.44 6.49
N HIS A 200 4.63 9.74 5.40
CA HIS A 200 4.43 8.29 5.37
C HIS A 200 5.51 7.59 6.21
N PRO A 201 5.15 6.55 6.97
CA PRO A 201 6.17 5.83 7.77
C PRO A 201 7.19 5.07 6.93
N GLU A 202 7.02 4.99 5.61
CA GLU A 202 8.08 4.45 4.75
C GLU A 202 9.21 5.44 4.51
N CYS A 203 9.06 6.69 4.96
CA CYS A 203 10.16 7.64 4.87
C CYS A 203 11.20 7.34 5.93
N ILE A 204 12.41 7.88 5.74
CA ILE A 204 13.53 7.58 6.65
C ILE A 204 13.22 8.13 8.04
N PRO A 205 13.78 7.53 9.11
CA PRO A 205 13.42 7.96 10.46
C PRO A 205 13.65 9.43 10.74
N GLU A 206 14.75 10.03 10.26
CA GLU A 206 14.97 11.43 10.58
C GLU A 206 13.91 12.33 9.96
N VAL A 207 13.34 11.92 8.83
CA VAL A 207 12.22 12.65 8.23
C VAL A 207 10.93 12.40 9.00
N GLN A 208 10.68 11.14 9.39
CA GLN A 208 9.54 10.84 10.26
C GLN A 208 9.50 11.75 11.49
N GLU A 209 10.66 12.01 12.07
CA GLU A 209 10.71 12.81 13.30
C GLU A 209 10.28 14.25 13.09
N LYS A 210 10.27 14.75 11.85
CA LYS A 210 9.83 16.10 11.56
C LYS A 210 8.33 16.19 11.30
N ALA A 211 7.62 15.07 11.30
CA ALA A 211 6.24 15.06 10.87
C ALA A 211 5.34 15.75 11.88
N ASP A 212 4.27 16.37 11.38
CA ASP A 212 3.15 16.66 12.27
C ASP A 212 2.31 15.41 12.50
N ILE A 213 2.02 14.67 11.43
CA ILE A 213 1.41 13.34 11.54
C ILE A 213 2.21 12.34 10.73
N ILE A 214 2.36 11.14 11.28
CA ILE A 214 2.89 9.99 10.56
C ILE A 214 1.72 9.08 10.23
N ALA A 215 1.52 8.78 8.95
CA ALA A 215 0.40 7.94 8.57
C ALA A 215 0.59 7.45 7.14
N SER A 216 0.02 6.30 6.83
N SER A 216 0.00 6.31 6.84
CA SER A 216 -0.08 5.92 5.43
CA SER A 216 -0.16 5.87 5.47
C SER A 216 -1.26 6.68 4.80
C SER A 216 -1.25 6.70 4.80
N THR A 217 -1.57 6.37 3.55
CA THR A 217 -2.47 7.21 2.78
C THR A 217 -3.89 7.25 3.38
N GLY A 218 -4.38 6.13 3.88
CA GLY A 218 -5.70 6.15 4.51
C GLY A 218 -5.74 7.05 5.75
N GLY A 219 -4.67 7.01 6.55
CA GLY A 219 -4.61 7.87 7.72
C GLY A 219 -4.40 9.32 7.37
N MET A 220 -3.72 9.60 6.25
CA MET A 220 -3.61 10.98 5.80
C MET A 220 -4.99 11.55 5.48
N ILE A 221 -5.81 10.76 4.81
CA ILE A 221 -7.18 11.19 4.51
C ILE A 221 -7.96 11.40 5.79
N LYS A 222 -7.79 10.51 6.78
CA LYS A 222 -8.52 10.63 8.03
C LYS A 222 -8.13 11.89 8.80
N ARG A 223 -6.84 12.20 8.83
CA ARG A 223 -6.37 13.27 9.71
C ARG A 223 -6.23 14.61 8.99
N ALA A 224 -6.46 14.66 7.68
CA ALA A 224 -6.42 15.93 6.98
C ALA A 224 -7.42 16.93 7.52
N CYS A 225 -8.49 16.45 8.17
CA CYS A 225 -9.47 17.38 8.73
C CYS A 225 -8.90 18.24 9.85
N GLU A 226 -7.72 17.90 10.38
CA GLU A 226 -7.18 18.60 11.55
C GLU A 226 -6.48 19.91 11.20
N TRP A 227 -6.28 20.21 9.92
CA TRP A 227 -5.63 21.46 9.53
C TRP A 227 -6.05 21.79 8.11
N ASP A 228 -5.82 23.04 7.70
CA ASP A 228 -6.29 23.49 6.39
C ASP A 228 -5.24 23.46 5.29
N GLU A 229 -3.97 23.21 5.61
CA GLU A 229 -2.90 23.22 4.61
C GLU A 229 -1.90 22.14 4.96
N TRP A 230 -1.52 21.33 3.98
CA TRP A 230 -0.64 20.20 4.24
C TRP A 230 0.41 20.03 3.14
N VAL A 231 1.65 19.75 3.55
CA VAL A 231 2.69 19.24 2.65
C VAL A 231 2.71 17.73 2.78
N VAL A 232 2.68 17.05 1.65
CA VAL A 232 2.38 15.63 1.60
C VAL A 232 3.66 14.87 1.23
N PHE A 233 4.22 14.16 2.21
CA PHE A 233 5.43 13.36 2.00
C PHE A 233 5.05 11.93 1.63
N THR A 234 4.50 11.78 0.43
CA THR A 234 4.27 10.46 -0.16
C THR A 234 4.27 10.59 -1.68
N GLU A 235 3.92 9.50 -2.36
CA GLU A 235 3.90 9.48 -3.81
C GLU A 235 2.98 10.58 -4.32
N ARG A 236 3.41 11.27 -5.37
CA ARG A 236 2.81 12.58 -5.68
C ARG A 236 1.35 12.52 -6.11
N GLU A 237 0.84 11.37 -6.59
CA GLU A 237 -0.56 11.34 -6.98
C GLU A 237 -1.49 11.43 -5.78
N MET A 238 -0.99 11.19 -4.57
CA MET A 238 -1.81 11.38 -3.38
C MET A 238 -2.28 12.83 -3.26
N VAL A 239 -1.51 13.78 -3.79
CA VAL A 239 -1.94 15.17 -3.73
C VAL A 239 -3.24 15.37 -4.51
N TYR A 240 -3.34 14.74 -5.69
CA TYR A 240 -4.58 14.80 -6.45
C TYR A 240 -5.76 14.24 -5.65
N ARG A 241 -5.57 13.08 -5.03
CA ARG A 241 -6.64 12.46 -4.24
C ARG A 241 -7.10 13.38 -3.14
N LEU A 242 -6.16 13.96 -2.39
CA LEU A 242 -6.51 14.85 -1.29
C LEU A 242 -7.20 16.11 -1.76
N ARG A 243 -6.73 16.69 -2.87
CA ARG A 243 -7.38 17.89 -3.41
C ARG A 243 -8.81 17.62 -3.86
N LYS A 244 -9.08 16.42 -4.36
CA LYS A 244 -10.44 16.08 -4.77
C LYS A 244 -11.33 15.86 -3.56
N LEU A 245 -10.78 15.26 -2.50
CA LEU A 245 -11.56 15.00 -1.30
C LEU A 245 -11.90 16.28 -0.57
N TYR A 246 -10.93 17.21 -0.48
CA TYR A 246 -11.04 18.41 0.34
C TYR A 246 -10.69 19.63 -0.51
N PRO A 247 -11.58 20.04 -1.43
CA PRO A 247 -11.26 21.20 -2.29
C PRO A 247 -11.03 22.48 -1.53
N GLN A 248 -11.53 22.58 -0.29
CA GLN A 248 -11.39 23.77 0.52
C GLN A 248 -10.04 23.86 1.23
N LYS A 249 -9.24 22.80 1.22
CA LYS A 249 -7.92 22.78 1.83
C LYS A 249 -6.85 22.99 0.76
N LYS A 250 -5.60 23.16 1.20
CA LYS A 250 -4.47 23.25 0.29
C LYS A 250 -3.50 22.11 0.54
N PHE A 251 -3.03 21.49 -0.55
CA PHE A 251 -2.08 20.39 -0.48
C PHE A 251 -0.92 20.66 -1.42
N TYR A 252 0.29 20.33 -0.98
CA TYR A 252 1.49 20.56 -1.76
C TYR A 252 2.35 19.31 -1.71
N PRO A 253 2.88 18.85 -2.84
CA PRO A 253 3.82 17.73 -2.80
C PRO A 253 5.12 18.15 -2.12
N ALA A 254 5.71 17.21 -1.38
CA ALA A 254 7.01 17.50 -0.78
C ALA A 254 8.16 17.44 -1.79
N ARG A 255 8.03 16.67 -2.87
CA ARG A 255 9.11 16.57 -3.84
C ARG A 255 8.58 16.65 -5.26
N GLU A 256 9.49 16.89 -6.21
CA GLU A 256 9.13 16.94 -7.62
C GLU A 256 9.26 15.59 -8.31
N ASP A 257 9.73 14.56 -7.62
CA ASP A 257 10.12 13.33 -8.30
C ASP A 257 9.64 12.09 -7.56
N ALA A 258 8.67 12.20 -6.64
CA ALA A 258 8.24 11.05 -5.85
C ALA A 258 7.18 10.28 -6.65
N PHE A 259 7.68 9.46 -7.56
CA PHE A 259 6.89 8.85 -8.63
C PHE A 259 7.14 7.34 -8.58
N CYS A 260 6.06 6.56 -8.46
CA CYS A 260 6.16 5.10 -8.50
C CYS A 260 5.94 4.60 -9.91
N ILE A 261 7.01 4.10 -10.55
CA ILE A 261 6.92 3.63 -11.93
C ILE A 261 5.92 2.48 -12.03
N GLY A 262 5.89 1.60 -11.03
CA GLY A 262 4.98 0.47 -11.07
C GLY A 262 3.53 0.89 -11.09
N MET A 263 3.17 1.84 -10.24
CA MET A 263 1.80 2.34 -10.24
C MET A 263 1.41 2.91 -11.58
N LYS A 264 2.32 3.62 -12.23
CA LYS A 264 2.04 4.29 -13.49
C LYS A 264 2.22 3.39 -14.70
N ALA A 265 2.48 2.09 -14.49
CA ALA A 265 2.33 1.14 -15.59
C ALA A 265 0.88 1.03 -16.03
N ILE A 266 -0.04 1.47 -15.18
CA ILE A 266 -1.48 1.38 -15.47
C ILE A 266 -1.95 2.68 -16.08
N THR A 267 -2.66 2.58 -17.20
CA THR A 267 -3.15 3.72 -17.93
C THR A 267 -4.61 3.50 -18.24
N LEU A 268 -5.29 4.56 -18.66
CA LEU A 268 -6.68 4.42 -19.09
C LEU A 268 -6.80 3.35 -20.18
N LYS A 269 -5.87 3.35 -21.13
CA LYS A 269 -5.97 2.41 -22.25
C LYS A 269 -5.92 0.96 -21.78
N ASN A 270 -5.05 0.64 -20.82
CA ASN A 270 -5.03 -0.76 -20.41
C ASN A 270 -6.15 -1.13 -19.47
N ILE A 271 -6.79 -0.16 -18.80
CA ILE A 271 -8.04 -0.46 -18.11
C ILE A 271 -9.12 -0.84 -19.12
N TYR A 272 -9.21 -0.09 -20.22
CA TYR A 272 -10.12 -0.44 -21.30
C TYR A 272 -9.81 -1.84 -21.84
N GLU A 273 -8.53 -2.11 -22.14
CA GLU A 273 -8.18 -3.41 -22.70
C GLU A 273 -8.39 -4.53 -21.70
N SER A 274 -8.25 -4.22 -20.41
N SER A 274 -8.22 -4.23 -20.41
CA SER A 274 -8.48 -5.19 -19.35
CA SER A 274 -8.50 -5.23 -19.38
C SER A 274 -9.92 -5.69 -19.36
C SER A 274 -9.93 -5.70 -19.44
N LEU A 275 -10.87 -4.76 -19.43
CA LEU A 275 -12.28 -5.11 -19.47
C LEU A 275 -12.66 -5.69 -20.82
N LYS A 276 -12.09 -5.17 -21.90
CA LYS A 276 -12.45 -5.67 -23.22
C LYS A 276 -12.02 -7.13 -23.38
N ASP A 277 -10.83 -7.45 -22.90
CA ASP A 277 -10.22 -8.74 -23.17
C ASP A 277 -10.15 -9.65 -21.96
N MET A 278 -10.67 -9.21 -20.82
CA MET A 278 -10.67 -10.00 -19.58
C MET A 278 -9.25 -10.44 -19.21
N LYS A 279 -8.35 -9.46 -19.13
CA LYS A 279 -6.95 -9.73 -18.81
C LYS A 279 -6.45 -8.62 -17.89
N TYR A 280 -5.35 -8.82 -17.16
CA TYR A 280 -4.63 -10.08 -17.02
C TYR A 280 -5.12 -10.75 -15.76
N LYS A 281 -5.55 -12.00 -15.89
CA LYS A 281 -6.18 -12.70 -14.78
C LYS A 281 -5.16 -12.98 -13.67
N VAL A 282 -5.53 -12.64 -12.44
CA VAL A 282 -4.67 -12.82 -11.28
C VAL A 282 -5.07 -14.10 -10.56
N GLU A 283 -4.11 -15.01 -10.38
CA GLU A 283 -4.34 -16.26 -9.69
C GLU A 283 -3.37 -16.38 -8.54
N VAL A 284 -3.80 -17.02 -7.45
CA VAL A 284 -2.96 -17.27 -6.29
C VAL A 284 -3.06 -18.75 -5.95
N PRO A 285 -1.96 -19.48 -5.88
CA PRO A 285 -2.02 -20.90 -5.51
C PRO A 285 -2.71 -21.10 -4.16
N GLU A 286 -3.52 -22.16 -4.09
CA GLU A 286 -4.39 -22.44 -2.94
C GLU A 286 -3.65 -22.41 -1.61
N GLU A 287 -2.51 -23.10 -1.51
CA GLU A 287 -1.83 -23.17 -0.23
C GLU A 287 -1.31 -21.81 0.21
N ILE A 288 -0.75 -21.05 -0.72
CA ILE A 288 -0.32 -19.69 -0.41
C ILE A 288 -1.51 -18.85 0.03
N ALA A 289 -2.62 -18.96 -0.69
CA ALA A 289 -3.79 -18.14 -0.41
C ALA A 289 -4.37 -18.46 0.97
N ARG A 290 -4.42 -19.75 1.33
CA ARG A 290 -4.97 -20.14 2.64
C ARG A 290 -4.10 -19.62 3.77
N LYS A 291 -2.77 -19.76 3.64
CA LYS A 291 -1.87 -19.29 4.68
C LYS A 291 -1.84 -17.77 4.76
N ALA A 292 -1.86 -17.09 3.61
CA ALA A 292 -1.92 -15.63 3.63
C ALA A 292 -3.19 -15.14 4.31
N ARG A 293 -4.33 -15.80 4.03
CA ARG A 293 -5.57 -15.45 4.71
C ARG A 293 -5.44 -15.55 6.23
N LYS A 294 -4.80 -16.62 6.72
CA LYS A 294 -4.73 -16.84 8.16
C LYS A 294 -3.95 -15.73 8.86
N ALA A 295 -2.85 -15.28 8.25
CA ALA A 295 -2.03 -14.22 8.85
C ALA A 295 -2.80 -12.91 8.89
N ILE A 296 -3.62 -12.66 7.87
CA ILE A 296 -4.44 -11.46 7.85
C ILE A 296 -5.50 -11.53 8.92
N GLU A 297 -6.16 -12.68 9.05
CA GLU A 297 -7.19 -12.85 10.07
C GLU A 297 -6.61 -12.68 11.47
N ARG A 298 -5.37 -13.15 11.68
CA ARG A 298 -4.75 -12.96 12.99
C ARG A 298 -4.48 -11.49 13.25
N MET A 299 -4.08 -10.76 12.21
CA MET A 299 -3.89 -9.31 12.32
C MET A 299 -5.17 -8.63 12.78
N LEU A 300 -6.30 -8.97 12.15
CA LEU A 300 -7.56 -8.33 12.51
C LEU A 300 -8.01 -8.72 13.90
N GLU A 301 -7.63 -9.89 14.38
CA GLU A 301 -7.94 -10.28 15.75
C GLU A 301 -7.03 -9.58 16.76
N MET A 302 -5.79 -9.31 16.39
CA MET A 302 -4.85 -8.62 17.26
C MET A 302 -4.96 -7.11 17.17
N SER A 303 -5.88 -6.59 16.35
CA SER A 303 -6.05 -5.14 16.24
C SER A 303 -7.52 -4.77 16.44
FE1 SF4 B . 5.83 -0.27 -3.81
FE2 SF4 B . 5.46 1.82 -5.45
FE3 SF4 B . 6.76 2.12 -3.05
FE4 SF4 B . 4.07 1.55 -3.10
S1 SF4 B . 5.13 3.45 -3.89
S2 SF4 B . 5.70 0.62 -1.75
S3 SF4 B . 3.98 0.20 -4.96
S4 SF4 B . 7.45 0.88 -4.84
CL CL C . 1.97 1.55 -2.19
#